data_2ZWR
#
_entry.id   2ZWR
#
_cell.length_a   79.136
_cell.length_b   114.122
_cell.length_c   114.711
_cell.angle_alpha   90.00
_cell.angle_beta   90.00
_cell.angle_gamma   90.00
#
_symmetry.space_group_name_H-M   'I 2 2 2'
#
loop_
_entity.id
_entity.type
_entity.pdbx_description
1 polymer 'Metallo-beta-lactamase superfamily protein'
2 non-polymer 'ZINC ION'
3 water water
#
_entity_poly.entity_id   1
_entity_poly.type   'polypeptide(L)'
_entity_poly.pdbx_seq_one_letter_code
;MRVFPVTLGPLQENAYLVETGEGPVLIDPGDEPEKLLALFQTTGLIPLAILLTHAHFDHVGAVAPLVEALDLPVYLHPLD
LPLYEGADLAARAWGLAIPKPPLPVRPLEEGMRLFGFQVLHLPGHSPGHVAFYDPEGAQVFSGDLLFRGSVGRYDLPGAD
PKALFASLKRLLSLPPETRVHPGHGPGTTLGLEARTNPFLTGLEWEA
;
_entity_poly.pdbx_strand_id   A,B
#
loop_
_chem_comp.id
_chem_comp.type
_chem_comp.name
_chem_comp.formula
ZN non-polymer 'ZINC ION' 'Zn 2'
#
# COMPACT_ATOMS: atom_id res chain seq x y z
N MET A 1 -23.64 11.78 7.06
CA MET A 1 -23.35 11.87 5.59
C MET A 1 -24.62 11.98 4.75
N ARG A 2 -24.59 12.88 3.77
CA ARG A 2 -25.61 12.89 2.72
C ARG A 2 -24.97 12.24 1.48
N VAL A 3 -25.74 11.39 0.81
CA VAL A 3 -25.21 10.55 -0.28
C VAL A 3 -26.00 10.77 -1.54
N PHE A 4 -25.31 11.17 -2.61
CA PHE A 4 -25.93 11.40 -3.91
C PHE A 4 -25.33 10.50 -5.00
N PRO A 5 -26.05 9.41 -5.33
CA PRO A 5 -25.61 8.46 -6.36
C PRO A 5 -25.97 8.98 -7.74
N VAL A 6 -25.12 8.64 -8.72
CA VAL A 6 -25.45 8.92 -10.12
C VAL A 6 -24.87 7.81 -10.99
N THR A 7 -25.69 7.31 -11.91
CA THR A 7 -25.27 6.25 -12.80
C THR A 7 -24.67 6.84 -14.08
N LEU A 8 -23.51 6.32 -14.49
CA LEU A 8 -22.69 6.94 -15.52
C LEU A 8 -22.17 5.96 -16.55
N GLY A 9 -22.21 6.38 -17.82
CA GLY A 9 -21.52 5.66 -18.89
C GLY A 9 -22.26 4.45 -19.42
N PRO A 10 -21.78 3.88 -20.56
CA PRO A 10 -22.39 2.69 -21.17
C PRO A 10 -22.37 1.47 -20.25
N LEU A 11 -21.43 1.42 -19.31
CA LEU A 11 -21.34 0.28 -18.41
C LEU A 11 -22.16 0.52 -17.14
N GLN A 12 -22.92 1.62 -17.13
CA GLN A 12 -23.87 1.93 -16.07
C GLN A 12 -23.24 1.79 -14.67
N GLU A 13 -22.20 2.58 -14.44
CA GLU A 13 -21.43 2.55 -13.22
C GLU A 13 -21.98 3.59 -12.26
N ASN A 14 -21.94 3.31 -10.96
CA ASN A 14 -22.42 4.26 -9.94
C ASN A 14 -21.30 5.10 -9.29
N ALA A 15 -21.38 6.42 -9.50
CA ALA A 15 -20.58 7.39 -8.75
C ALA A 15 -21.35 7.86 -7.51
N TYR A 16 -20.63 8.30 -6.48
CA TYR A 16 -21.27 8.78 -5.27
C TYR A 16 -20.64 10.09 -4.85
N LEU A 17 -21.45 11.14 -4.81
CA LEU A 17 -21.08 12.41 -4.22
C LEU A 17 -21.56 12.38 -2.78
N VAL A 18 -20.62 12.41 -1.84
CA VAL A 18 -20.91 12.14 -0.45
C VAL A 18 -20.45 13.32 0.39
N GLU A 19 -21.35 13.86 1.20
CA GLU A 19 -20.99 14.89 2.16
C GLU A 19 -20.45 14.21 3.42
N THR A 20 -19.21 14.47 3.76
CA THR A 20 -18.63 13.90 4.98
C THR A 20 -18.44 14.99 6.04
N GLY A 21 -18.09 14.58 7.25
CA GLY A 21 -17.77 15.54 8.31
C GLY A 21 -16.55 16.39 7.99
N GLU A 22 -15.76 15.96 7.00
CA GLU A 22 -14.59 16.71 6.53
C GLU A 22 -14.78 17.34 5.15
N GLY A 23 -16.03 17.45 4.71
CA GLY A 23 -16.30 18.03 3.40
C GLY A 23 -16.69 16.96 2.38
N PRO A 24 -17.19 17.39 1.21
CA PRO A 24 -17.67 16.45 0.19
C PRO A 24 -16.55 15.70 -0.51
N VAL A 25 -16.82 14.44 -0.82
CA VAL A 25 -15.95 13.65 -1.69
C VAL A 25 -16.77 13.03 -2.82
N LEU A 26 -16.06 12.74 -3.91
CA LEU A 26 -16.64 12.10 -5.06
C LEU A 26 -15.98 10.73 -5.27
N ILE A 27 -16.79 9.67 -5.16
CA ILE A 27 -16.36 8.28 -5.32
C ILE A 27 -16.62 7.76 -6.74
N ASP A 28 -15.55 7.28 -7.39
CA ASP A 28 -15.62 6.63 -8.72
C ASP A 28 -16.34 7.44 -9.83
N PRO A 29 -15.80 8.63 -10.20
CA PRO A 29 -16.40 9.37 -11.33
C PRO A 29 -16.07 8.68 -12.66
N GLY A 30 -16.94 7.78 -13.09
CA GLY A 30 -16.66 6.86 -14.18
C GLY A 30 -16.77 7.38 -15.61
N ASP A 31 -17.65 8.34 -15.80
CA ASP A 31 -17.93 8.87 -17.11
C ASP A 31 -18.86 10.07 -16.98
N GLU A 32 -19.11 10.72 -18.13
CA GLU A 32 -20.09 11.81 -18.22
C GLU A 32 -19.81 12.93 -17.22
N PRO A 33 -18.67 13.61 -17.38
CA PRO A 33 -18.29 14.69 -16.47
C PRO A 33 -19.35 15.81 -16.37
N GLU A 34 -20.05 16.07 -17.46
CA GLU A 34 -21.11 17.09 -17.50
C GLU A 34 -22.23 16.74 -16.53
N LYS A 35 -22.54 15.45 -16.44
CA LYS A 35 -23.56 14.95 -15.51
C LYS A 35 -23.11 15.13 -14.05
N LEU A 36 -21.82 14.91 -13.80
CA LEU A 36 -21.25 15.13 -12.46
C LEU A 36 -21.19 16.61 -12.07
N LEU A 37 -20.68 17.44 -12.98
CA LEU A 37 -20.69 18.89 -12.81
C LEU A 37 -22.11 19.42 -12.52
N ALA A 38 -23.11 18.88 -13.21
CA ALA A 38 -24.52 19.23 -12.95
C ALA A 38 -25.03 18.78 -11.59
N LEU A 39 -24.54 17.63 -11.12
CA LEU A 39 -24.84 17.15 -9.77
C LEU A 39 -24.29 18.09 -8.68
N PHE A 40 -23.06 18.58 -8.88
CA PHE A 40 -22.49 19.57 -7.97
C PHE A 40 -23.43 20.77 -7.83
N GLN A 41 -24.04 21.18 -8.95
CA GLN A 41 -24.92 22.36 -8.97
C GLN A 41 -26.22 22.16 -8.22
N THR A 42 -26.87 21.02 -8.46
CA THR A 42 -28.19 20.73 -7.88
C THR A 42 -28.11 20.37 -6.39
N THR A 43 -26.92 19.93 -5.95
CA THR A 43 -26.71 19.58 -4.54
C THR A 43 -26.04 20.72 -3.76
N GLY A 44 -25.33 21.60 -4.46
CA GLY A 44 -24.54 22.66 -3.83
C GLY A 44 -23.27 22.15 -3.17
N LEU A 45 -22.83 20.95 -3.57
CA LEU A 45 -21.64 20.31 -2.98
C LEU A 45 -20.47 20.27 -3.97
N ILE A 46 -19.31 20.76 -3.54
CA ILE A 46 -18.09 20.67 -4.34
C ILE A 46 -17.15 19.66 -3.70
N PRO A 47 -16.80 18.57 -4.41
CA PRO A 47 -15.91 17.56 -3.82
C PRO A 47 -14.53 18.14 -3.53
N LEU A 48 -13.90 17.66 -2.48
CA LEU A 48 -12.54 18.07 -2.10
C LEU A 48 -11.51 17.09 -2.62
N ALA A 49 -11.97 15.93 -3.07
CA ALA A 49 -11.10 14.85 -3.50
C ALA A 49 -11.91 13.83 -4.29
N ILE A 50 -11.20 13.05 -5.09
CA ILE A 50 -11.74 11.88 -5.77
C ILE A 50 -11.21 10.65 -5.04
N LEU A 51 -12.11 9.75 -4.64
CA LEU A 51 -11.75 8.49 -3.98
C LEU A 51 -12.12 7.34 -4.92
N LEU A 52 -11.19 6.44 -5.19
CA LEU A 52 -11.41 5.32 -6.12
C LEU A 52 -11.41 3.95 -5.44
N THR A 53 -12.54 3.23 -5.55
CA THR A 53 -12.63 1.86 -5.07
C THR A 53 -11.67 1.00 -5.87
N HIS A 54 -11.60 1.26 -7.17
CA HIS A 54 -10.61 0.60 -8.05
C HIS A 54 -10.50 1.37 -9.37
N ALA A 55 -9.63 0.89 -10.27
CA ALA A 55 -9.27 1.63 -11.49
C ALA A 55 -9.62 0.94 -12.81
N HIS A 56 -10.63 0.08 -12.83
CA HIS A 56 -11.23 -0.27 -14.10
C HIS A 56 -11.75 1.01 -14.78
N PHE A 57 -11.64 1.04 -16.11
CA PHE A 57 -11.96 2.23 -16.89
C PHE A 57 -13.36 2.81 -16.67
N ASP A 58 -14.33 1.96 -16.33
CA ASP A 58 -15.69 2.43 -16.08
C ASP A 58 -15.84 3.20 -14.76
N HIS A 59 -14.77 3.22 -13.97
CA HIS A 59 -14.77 3.94 -12.69
C HIS A 59 -13.92 5.22 -12.71
N VAL A 60 -13.18 5.43 -13.79
CA VAL A 60 -12.17 6.52 -13.84
C VAL A 60 -12.26 7.43 -15.08
N GLY A 61 -13.25 7.20 -15.94
CA GLY A 61 -13.39 7.95 -17.19
C GLY A 61 -13.66 9.45 -17.11
N ALA A 62 -14.09 9.92 -15.93
CA ALA A 62 -14.37 11.34 -15.71
C ALA A 62 -13.36 11.97 -14.78
N VAL A 63 -12.37 11.21 -14.36
CA VAL A 63 -11.33 11.76 -13.47
C VAL A 63 -10.60 12.95 -14.10
N ALA A 64 -10.07 12.78 -15.33
CA ALA A 64 -9.24 13.83 -15.97
C ALA A 64 -9.88 15.25 -16.07
N PRO A 65 -11.09 15.37 -16.67
CA PRO A 65 -11.74 16.69 -16.70
C PRO A 65 -11.99 17.32 -15.34
N LEU A 66 -12.35 16.50 -14.34
CA LEU A 66 -12.63 17.01 -13.00
C LEU A 66 -11.37 17.47 -12.26
N VAL A 67 -10.25 16.78 -12.49
CA VAL A 67 -8.95 17.19 -11.95
C VAL A 67 -8.48 18.49 -12.62
N GLU A 68 -8.62 18.56 -13.94
CA GLU A 68 -8.32 19.78 -14.70
C GLU A 68 -9.13 20.99 -14.21
N ALA A 69 -10.43 20.81 -13.99
CA ALA A 69 -11.31 21.92 -13.57
C ALA A 69 -11.13 22.31 -12.10
N LEU A 70 -10.93 21.31 -11.23
CA LEU A 70 -10.98 21.54 -9.78
C LEU A 70 -9.70 21.17 -8.97
N ASP A 71 -8.63 20.79 -9.67
CA ASP A 71 -7.37 20.39 -9.01
C ASP A 71 -7.60 19.32 -7.92
N LEU A 72 -8.47 18.36 -8.19
CA LEU A 72 -8.86 17.36 -7.18
C LEU A 72 -7.75 16.34 -7.00
N PRO A 73 -7.33 16.12 -5.74
CA PRO A 73 -6.49 14.96 -5.48
C PRO A 73 -7.28 13.67 -5.73
N VAL A 74 -6.58 12.65 -6.26
CA VAL A 74 -7.17 11.36 -6.57
C VAL A 74 -6.52 10.31 -5.69
N TYR A 75 -7.36 9.62 -4.92
CA TYR A 75 -6.91 8.57 -4.01
C TYR A 75 -7.16 7.20 -4.63
N LEU A 76 -6.09 6.40 -4.72
CA LEU A 76 -6.17 5.06 -5.28
C LEU A 76 -5.18 4.15 -4.59
N HIS A 77 -5.58 2.90 -4.32
CA HIS A 77 -4.65 1.89 -3.85
C HIS A 77 -3.57 1.64 -4.92
N PRO A 78 -2.29 1.70 -4.53
CA PRO A 78 -1.16 1.58 -5.46
C PRO A 78 -1.15 0.29 -6.28
N LEU A 79 -1.78 -0.78 -5.79
CA LEU A 79 -1.86 -2.02 -6.56
C LEU A 79 -2.79 -1.90 -7.79
N ASP A 80 -3.62 -0.86 -7.86
CA ASP A 80 -4.41 -0.59 -9.08
C ASP A 80 -3.83 0.47 -10.03
N LEU A 81 -2.63 0.95 -9.74
CA LEU A 81 -1.94 1.93 -10.61
C LEU A 81 -1.77 1.46 -12.05
N PRO A 82 -1.32 0.18 -12.27
CA PRO A 82 -1.19 -0.29 -13.65
C PRO A 82 -2.52 -0.23 -14.41
N LEU A 83 -3.61 -0.56 -13.74
CA LEU A 83 -4.94 -0.44 -14.34
C LEU A 83 -5.28 1.02 -14.64
N TYR A 84 -4.95 1.90 -13.68
CA TYR A 84 -5.26 3.31 -13.79
C TYR A 84 -4.51 3.94 -14.95
N GLU A 85 -3.23 3.60 -15.07
CA GLU A 85 -2.36 4.17 -16.09
C GLU A 85 -2.76 3.81 -17.52
N GLY A 86 -3.30 2.61 -17.72
CA GLY A 86 -3.72 2.16 -19.03
C GLY A 86 -5.22 2.14 -19.26
N ALA A 87 -6.00 2.81 -18.41
CA ALA A 87 -7.45 2.72 -18.44
C ALA A 87 -8.05 3.16 -19.77
N ASP A 88 -7.47 4.20 -20.36
CA ASP A 88 -7.96 4.71 -21.64
C ASP A 88 -7.72 3.71 -22.76
N LEU A 89 -6.61 2.97 -22.68
CA LEU A 89 -6.30 1.89 -23.63
C LEU A 89 -7.28 0.73 -23.50
N ALA A 90 -7.63 0.38 -22.26
CA ALA A 90 -8.61 -0.68 -22.03
C ALA A 90 -9.97 -0.27 -22.57
N ALA A 91 -10.40 0.96 -22.28
CA ALA A 91 -11.64 1.47 -22.84
C ALA A 91 -11.60 1.42 -24.38
N ARG A 92 -10.46 1.82 -24.94
CA ARG A 92 -10.26 1.90 -26.40
C ARG A 92 -10.44 0.56 -27.11
N ALA A 93 -10.07 -0.52 -26.44
CA ALA A 93 -10.19 -1.90 -26.95
C ALA A 93 -11.65 -2.33 -27.10
N TRP A 94 -12.51 -1.78 -26.25
CA TRP A 94 -13.95 -1.96 -26.37
C TRP A 94 -14.60 -0.95 -27.32
N GLY A 95 -13.79 -0.12 -27.96
CA GLY A 95 -14.31 0.93 -28.86
C GLY A 95 -14.80 2.18 -28.14
N LEU A 96 -14.41 2.35 -26.87
CA LEU A 96 -14.88 3.45 -26.06
C LEU A 96 -13.80 4.49 -25.80
N ALA A 97 -14.19 5.77 -25.82
CA ALA A 97 -13.26 6.86 -25.65
C ALA A 97 -13.37 7.49 -24.26
N ILE A 98 -12.27 7.43 -23.50
CA ILE A 98 -12.14 8.24 -22.27
C ILE A 98 -10.80 8.96 -22.26
N PRO A 99 -10.74 10.12 -21.57
CA PRO A 99 -9.43 10.74 -21.36
C PRO A 99 -8.58 9.93 -20.39
N LYS A 100 -7.28 9.89 -20.67
CA LYS A 100 -6.32 9.22 -19.80
C LYS A 100 -6.37 9.84 -18.40
N PRO A 101 -6.56 8.99 -17.38
CA PRO A 101 -6.62 9.46 -16.00
C PRO A 101 -5.28 10.09 -15.61
N PRO A 102 -5.32 11.27 -14.95
CA PRO A 102 -4.11 12.06 -14.65
C PRO A 102 -3.28 11.54 -13.47
N LEU A 103 -1.97 11.61 -13.63
CA LEU A 103 -1.04 11.35 -12.53
C LEU A 103 -0.50 12.66 -11.98
N PRO A 104 -0.05 12.67 -10.70
CA PRO A 104 0.02 11.55 -9.78
C PRO A 104 -1.27 11.29 -8.99
N VAL A 105 -1.33 10.14 -8.32
CA VAL A 105 -2.40 9.84 -7.38
C VAL A 105 -1.84 9.80 -5.97
N ARG A 106 -2.73 9.95 -4.98
CA ARG A 106 -2.40 9.77 -3.58
C ARG A 106 -2.80 8.35 -3.17
N PRO A 107 -1.97 7.70 -2.35
CA PRO A 107 -2.23 6.30 -2.02
C PRO A 107 -3.34 6.03 -1.00
N LEU A 108 -3.96 4.87 -1.17
CA LEU A 108 -4.84 4.30 -0.18
C LEU A 108 -4.15 3.05 0.39
N GLU A 109 -4.58 2.60 1.56
CA GLU A 109 -3.99 1.45 2.24
C GLU A 109 -5.00 0.88 3.20
N GLU A 110 -4.99 -0.44 3.37
CA GLU A 110 -5.77 -1.10 4.43
C GLU A 110 -5.55 -0.36 5.77
N GLY A 111 -6.65 -0.01 6.43
CA GLY A 111 -6.61 0.62 7.75
C GLY A 111 -6.56 2.14 7.77
N MET A 112 -6.28 2.74 6.61
CA MET A 112 -6.30 4.21 6.46
C MET A 112 -7.65 4.82 6.79
N ARG A 113 -7.61 5.98 7.47
CA ARG A 113 -8.80 6.80 7.72
C ARG A 113 -8.73 8.08 6.91
N LEU A 114 -9.75 8.34 6.11
CA LEU A 114 -9.85 9.61 5.38
C LEU A 114 -11.28 9.94 5.10
N PHE A 115 -11.60 11.23 5.24
CA PHE A 115 -12.94 11.76 5.03
C PHE A 115 -14.02 10.95 5.74
N GLY A 116 -13.70 10.49 6.96
CA GLY A 116 -14.66 9.79 7.80
C GLY A 116 -14.85 8.31 7.44
N PHE A 117 -14.01 7.80 6.52
CA PHE A 117 -14.06 6.40 6.11
C PHE A 117 -12.86 5.60 6.63
N GLN A 118 -13.07 4.31 6.83
CA GLN A 118 -11.96 3.38 7.04
C GLN A 118 -11.78 2.61 5.73
N VAL A 119 -10.53 2.54 5.26
CA VAL A 119 -10.20 1.84 4.03
C VAL A 119 -10.00 0.34 4.29
N LEU A 120 -10.77 -0.47 3.57
CA LEU A 120 -10.64 -1.92 3.59
C LEU A 120 -10.05 -2.35 2.25
N HIS A 121 -8.86 -2.96 2.27
CA HIS A 121 -8.30 -3.52 1.07
C HIS A 121 -8.89 -4.89 0.82
N LEU A 122 -9.69 -4.97 -0.24
CA LEU A 122 -10.49 -6.14 -0.54
C LEU A 122 -10.29 -6.53 -2.02
N PRO A 123 -9.15 -7.18 -2.33
CA PRO A 123 -8.80 -7.47 -3.71
C PRO A 123 -9.60 -8.66 -4.24
N GLY A 124 -9.46 -8.95 -5.53
CA GLY A 124 -10.16 -10.06 -6.12
C GLY A 124 -10.80 -9.68 -7.45
N HIS A 125 -11.60 -8.61 -7.43
CA HIS A 125 -12.14 -8.04 -8.67
C HIS A 125 -11.01 -7.27 -9.38
N SER A 126 -10.15 -6.63 -8.59
CA SER A 126 -8.90 -6.04 -9.06
C SER A 126 -7.91 -6.03 -7.88
N PRO A 127 -6.58 -5.96 -8.16
CA PRO A 127 -5.57 -6.10 -7.08
C PRO A 127 -5.59 -5.00 -6.02
N GLY A 128 -5.99 -3.80 -6.41
CA GLY A 128 -6.04 -2.64 -5.51
C GLY A 128 -7.47 -2.21 -5.16
N HIS A 129 -8.39 -3.17 -5.23
CA HIS A 129 -9.80 -2.88 -4.97
C HIS A 129 -10.00 -2.65 -3.48
N VAL A 130 -10.58 -1.50 -3.13
CA VAL A 130 -10.88 -1.17 -1.73
C VAL A 130 -12.36 -0.95 -1.50
N ALA A 131 -12.77 -0.89 -0.23
CA ALA A 131 -14.07 -0.36 0.16
C ALA A 131 -13.87 0.77 1.14
N PHE A 132 -14.77 1.76 1.08
CA PHE A 132 -14.77 2.88 2.00
C PHE A 132 -15.89 2.66 3.00
N TYR A 133 -15.50 2.38 4.23
CA TYR A 133 -16.43 1.94 5.28
C TYR A 133 -16.70 3.04 6.32
N ASP A 134 -17.98 3.31 6.54
CA ASP A 134 -18.43 4.30 7.50
C ASP A 134 -19.27 3.61 8.60
N PRO A 135 -18.61 3.12 9.66
CA PRO A 135 -19.29 2.40 10.74
C PRO A 135 -20.36 3.20 11.46
N GLU A 136 -20.14 4.51 11.59
CA GLU A 136 -21.06 5.38 12.30
C GLU A 136 -22.39 5.54 11.59
N GLY A 137 -22.34 5.72 10.27
CA GLY A 137 -23.53 5.76 9.42
C GLY A 137 -23.95 4.38 8.93
N ALA A 138 -23.26 3.35 9.38
CA ALA A 138 -23.53 1.96 8.96
C ALA A 138 -23.65 1.85 7.45
N GLN A 139 -22.59 2.19 6.73
CA GLN A 139 -22.63 2.12 5.27
C GLN A 139 -21.27 1.86 4.67
N VAL A 140 -21.26 1.27 3.48
CA VAL A 140 -20.03 0.92 2.81
C VAL A 140 -20.15 1.22 1.31
N PHE A 141 -19.10 1.80 0.75
CA PHE A 141 -18.98 2.03 -0.67
C PHE A 141 -17.97 0.99 -1.15
N SER A 142 -18.51 -0.14 -1.60
CA SER A 142 -17.69 -1.35 -1.77
C SER A 142 -17.38 -1.66 -3.23
N GLY A 143 -17.61 -0.69 -4.11
CA GLY A 143 -17.30 -0.85 -5.52
C GLY A 143 -17.93 -2.08 -6.15
N ASP A 144 -17.10 -2.85 -6.85
CA ASP A 144 -17.62 -4.01 -7.57
C ASP A 144 -17.40 -5.32 -6.81
N LEU A 145 -17.35 -5.28 -5.49
CA LEU A 145 -17.26 -6.51 -4.67
C LEU A 145 -18.62 -7.24 -4.66
N LEU A 146 -19.64 -6.53 -4.20
CA LEU A 146 -20.94 -7.11 -3.93
C LEU A 146 -22.07 -6.30 -4.56
N PHE A 147 -22.90 -6.98 -5.33
CA PHE A 147 -24.07 -6.36 -5.95
C PHE A 147 -25.35 -6.87 -5.30
N ARG A 148 -26.47 -6.24 -5.67
CA ARG A 148 -27.79 -6.71 -5.32
C ARG A 148 -28.05 -7.97 -6.16
N GLY A 149 -27.88 -9.13 -5.54
CA GLY A 149 -28.11 -10.42 -6.19
C GLY A 149 -26.95 -11.01 -6.98
N SER A 150 -25.77 -10.42 -6.86
CA SER A 150 -24.59 -10.92 -7.57
C SER A 150 -23.29 -10.41 -6.94
N VAL A 151 -22.17 -10.73 -7.57
CA VAL A 151 -20.86 -10.25 -7.12
C VAL A 151 -20.03 -9.77 -8.30
N GLY A 152 -18.92 -9.09 -8.03
CA GLY A 152 -18.08 -8.58 -9.09
C GLY A 152 -17.56 -9.67 -10.01
N ARG A 153 -17.46 -9.35 -11.30
CA ARG A 153 -16.78 -10.22 -12.27
C ARG A 153 -15.38 -10.57 -11.77
N TYR A 154 -14.98 -11.81 -11.97
CA TYR A 154 -13.61 -12.23 -11.66
C TYR A 154 -12.94 -12.79 -12.91
N ASP A 155 -13.27 -12.19 -14.06
CA ASP A 155 -12.68 -12.52 -15.35
C ASP A 155 -12.07 -11.30 -16.03
N LEU A 156 -12.03 -10.18 -15.31
CA LEU A 156 -11.49 -8.92 -15.84
C LEU A 156 -10.00 -8.77 -15.54
N PRO A 157 -9.34 -7.75 -16.15
CA PRO A 157 -7.93 -7.48 -15.85
C PRO A 157 -7.63 -7.30 -14.37
N GLY A 158 -6.69 -8.10 -13.88
CA GLY A 158 -6.26 -8.06 -12.48
C GLY A 158 -7.05 -8.99 -11.57
N ALA A 159 -8.08 -9.64 -12.10
CA ALA A 159 -8.97 -10.51 -11.32
C ALA A 159 -8.27 -11.68 -10.62
N ASP A 160 -8.80 -12.04 -9.46
CA ASP A 160 -8.27 -13.13 -8.65
C ASP A 160 -9.44 -13.75 -7.88
N PRO A 161 -10.03 -14.81 -8.45
CA PRO A 161 -11.26 -15.41 -7.92
C PRO A 161 -11.17 -15.79 -6.44
N LYS A 162 -10.02 -16.33 -6.02
CA LYS A 162 -9.83 -16.78 -4.64
C LYS A 162 -9.69 -15.59 -3.69
N ALA A 163 -9.00 -14.55 -4.15
CA ALA A 163 -8.95 -13.29 -3.39
C ALA A 163 -10.38 -12.73 -3.24
N LEU A 164 -11.17 -12.80 -4.31
CA LEU A 164 -12.53 -12.24 -4.28
C LEU A 164 -13.40 -12.86 -3.20
N PHE A 165 -13.40 -14.18 -3.11
CA PHE A 165 -14.25 -14.85 -2.12
C PHE A 165 -13.76 -14.66 -0.68
N ALA A 166 -12.45 -14.57 -0.50
CA ALA A 166 -11.89 -14.17 0.78
C ALA A 166 -12.30 -12.72 1.14
N SER A 167 -12.25 -11.83 0.14
CA SER A 167 -12.68 -10.44 0.37
C SER A 167 -14.16 -10.36 0.75
N LEU A 168 -14.99 -11.18 0.11
CA LEU A 168 -16.42 -11.18 0.38
C LEU A 168 -16.72 -11.68 1.79
N LYS A 169 -15.97 -12.69 2.22
CA LYS A 169 -16.05 -13.20 3.59
C LYS A 169 -15.74 -12.11 4.60
N ARG A 170 -14.69 -11.33 4.33
CA ARG A 170 -14.34 -10.16 5.14
C ARG A 170 -15.48 -9.12 5.18
N LEU A 171 -16.02 -8.80 4.01
CA LEU A 171 -17.10 -7.82 3.89
C LEU A 171 -18.35 -8.25 4.66
N LEU A 172 -18.73 -9.51 4.49
CA LEU A 172 -19.94 -10.05 5.12
C LEU A 172 -19.83 -10.27 6.64
N SER A 173 -18.67 -9.95 7.21
CA SER A 173 -18.47 -9.99 8.66
C SER A 173 -18.78 -8.64 9.33
N LEU A 174 -18.95 -7.59 8.52
CA LEU A 174 -19.43 -6.30 9.00
C LEU A 174 -20.92 -6.41 9.38
N PRO A 175 -21.42 -5.46 10.21
CA PRO A 175 -22.81 -5.52 10.66
C PRO A 175 -23.82 -5.76 9.52
N PRO A 176 -24.81 -6.65 9.73
CA PRO A 176 -25.81 -6.96 8.69
C PRO A 176 -26.63 -5.76 8.23
N GLU A 177 -26.82 -4.77 9.10
CA GLU A 177 -27.56 -3.55 8.76
C GLU A 177 -26.80 -2.59 7.84
N THR A 178 -25.51 -2.86 7.63
CA THR A 178 -24.66 -2.04 6.77
C THR A 178 -25.26 -1.88 5.37
N ARG A 179 -25.52 -0.64 4.99
CA ARG A 179 -26.01 -0.30 3.66
C ARG A 179 -24.88 -0.38 2.65
N VAL A 180 -25.15 -1.04 1.52
CA VAL A 180 -24.13 -1.21 0.48
C VAL A 180 -24.45 -0.29 -0.71
N HIS A 181 -23.47 0.55 -1.07
CA HIS A 181 -23.54 1.39 -2.26
C HIS A 181 -22.51 0.83 -3.26
N PRO A 182 -22.97 -0.02 -4.21
CA PRO A 182 -22.06 -0.72 -5.11
C PRO A 182 -21.72 0.05 -6.39
N GLY A 183 -20.72 -0.46 -7.13
CA GLY A 183 -20.30 0.16 -8.39
C GLY A 183 -21.27 0.02 -9.55
N HIS A 184 -22.19 -0.94 -9.47
CA HIS A 184 -23.22 -1.16 -10.50
C HIS A 184 -24.52 -1.64 -9.87
N GLY A 185 -25.65 -1.28 -10.47
CA GLY A 185 -26.95 -1.74 -10.02
C GLY A 185 -27.45 -1.02 -8.77
N PRO A 186 -28.54 -1.53 -8.17
CA PRO A 186 -29.18 -0.85 -7.03
C PRO A 186 -28.47 -1.08 -5.70
N GLY A 187 -28.80 -0.25 -4.72
CA GLY A 187 -28.25 -0.40 -3.39
C GLY A 187 -28.83 -1.63 -2.74
N THR A 188 -28.20 -2.07 -1.66
CA THR A 188 -28.63 -3.25 -0.92
C THR A 188 -28.12 -3.11 0.52
N THR A 189 -28.23 -4.18 1.31
CA THR A 189 -27.63 -4.22 2.65
C THR A 189 -26.85 -5.52 2.75
N LEU A 190 -25.95 -5.59 3.72
CA LEU A 190 -25.21 -6.82 3.92
C LEU A 190 -26.14 -7.96 4.36
N GLY A 191 -27.14 -7.62 5.16
CA GLY A 191 -28.13 -8.60 5.65
C GLY A 191 -29.01 -9.18 4.54
N LEU A 192 -29.47 -8.32 3.63
CA LEU A 192 -30.25 -8.79 2.49
C LEU A 192 -29.46 -9.76 1.62
N GLU A 193 -28.21 -9.42 1.32
CA GLU A 193 -27.37 -10.30 0.51
C GLU A 193 -27.03 -11.60 1.25
N ALA A 194 -26.85 -11.53 2.55
CA ALA A 194 -26.67 -12.76 3.36
C ALA A 194 -27.83 -13.74 3.17
N ARG A 195 -29.04 -13.20 2.95
CA ARG A 195 -30.24 -14.01 2.78
C ARG A 195 -30.52 -14.43 1.33
N THR A 196 -30.07 -13.66 0.35
CA THR A 196 -30.52 -13.85 -1.04
C THR A 196 -29.45 -14.06 -2.11
N ASN A 197 -28.21 -13.64 -1.84
CA ASN A 197 -27.18 -13.71 -2.87
C ASN A 197 -26.74 -15.15 -3.19
N PRO A 198 -26.89 -15.57 -4.46
CA PRO A 198 -26.53 -16.92 -4.88
C PRO A 198 -25.03 -17.25 -4.77
N PHE A 199 -24.18 -16.22 -4.68
CA PHE A 199 -22.74 -16.41 -4.53
C PHE A 199 -22.32 -16.46 -3.05
N LEU A 200 -23.28 -16.30 -2.15
CA LEU A 200 -23.00 -16.29 -0.72
C LEU A 200 -23.66 -17.45 0.01
N MET B 1 16.42 -19.17 18.09
CA MET B 1 16.77 -19.04 16.66
C MET B 1 17.85 -17.97 16.44
N ARG B 2 18.33 -17.86 15.20
CA ARG B 2 19.48 -17.03 14.90
C ARG B 2 19.14 -15.92 13.92
N VAL B 3 19.83 -14.79 14.09
CA VAL B 3 19.85 -13.66 13.18
C VAL B 3 21.31 -13.49 12.72
N PHE B 4 21.52 -13.47 11.41
CA PHE B 4 22.84 -13.27 10.82
C PHE B 4 22.87 -11.96 10.06
N PRO B 5 23.37 -10.87 10.69
CA PRO B 5 23.59 -9.63 9.95
C PRO B 5 24.80 -9.78 9.02
N VAL B 6 24.74 -9.12 7.87
CA VAL B 6 25.89 -9.05 6.96
C VAL B 6 26.00 -7.61 6.51
N THR B 7 27.16 -7.02 6.74
CA THR B 7 27.39 -5.62 6.37
C THR B 7 27.89 -5.54 4.94
N LEU B 8 27.21 -4.75 4.11
CA LEU B 8 27.40 -4.83 2.68
C LEU B 8 27.57 -3.48 1.98
N GLY B 9 28.55 -3.44 1.06
CA GLY B 9 28.74 -2.32 0.16
C GLY B 9 29.38 -1.08 0.76
N PRO B 10 29.68 -0.09 -0.11
CA PRO B 10 30.25 1.20 0.28
C PRO B 10 29.49 1.93 1.40
N LEU B 11 28.16 1.79 1.44
CA LEU B 11 27.33 2.46 2.44
C LEU B 11 27.16 1.62 3.72
N GLN B 12 27.84 0.48 3.77
CA GLN B 12 27.81 -0.44 4.91
C GLN B 12 26.39 -0.64 5.42
N GLU B 13 25.57 -1.15 4.50
CA GLU B 13 24.17 -1.46 4.76
C GLU B 13 24.12 -2.82 5.45
N ASN B 14 23.09 -3.06 6.29
CA ASN B 14 22.93 -4.35 6.97
C ASN B 14 21.81 -5.23 6.34
N ALA B 15 22.21 -6.31 5.67
CA ALA B 15 21.30 -7.40 5.36
C ALA B 15 21.18 -8.28 6.59
N TYR B 16 20.10 -9.05 6.68
CA TYR B 16 19.89 -9.99 7.77
C TYR B 16 19.33 -11.31 7.23
N LEU B 17 20.07 -12.39 7.45
CA LEU B 17 19.51 -13.72 7.25
C LEU B 17 18.94 -14.13 8.59
N VAL B 18 17.62 -14.32 8.61
CA VAL B 18 16.85 -14.47 9.82
C VAL B 18 16.13 -15.81 9.79
N GLU B 19 16.40 -16.65 10.79
CA GLU B 19 15.68 -17.91 10.96
C GLU B 19 14.33 -17.58 11.58
N THR B 20 13.27 -18.09 10.96
CA THR B 20 11.91 -17.94 11.51
C THR B 20 11.25 -19.30 11.77
N GLY B 21 10.15 -19.29 12.51
CA GLY B 21 9.31 -20.48 12.67
C GLY B 21 8.87 -21.09 11.35
N GLU B 22 8.79 -20.27 10.30
CA GLU B 22 8.36 -20.71 8.98
C GLU B 22 9.52 -20.95 8.00
N GLY B 23 10.75 -20.81 8.48
CA GLY B 23 11.94 -20.95 7.61
C GLY B 23 12.75 -19.67 7.51
N PRO B 24 13.97 -19.74 6.95
CA PRO B 24 14.84 -18.57 6.87
C PRO B 24 14.42 -17.56 5.81
N VAL B 25 14.61 -16.27 6.12
CA VAL B 25 14.37 -15.18 5.17
C VAL B 25 15.57 -14.26 5.08
N LEU B 26 15.66 -13.55 3.97
CA LEU B 26 16.73 -12.60 3.77
C LEU B 26 16.13 -11.19 3.67
N ILE B 27 16.60 -10.31 4.57
CA ILE B 27 16.15 -8.93 4.62
C ILE B 27 17.22 -8.03 4.00
N ASP B 28 16.81 -7.10 3.14
CA ASP B 28 17.68 -6.11 2.51
C ASP B 28 19.05 -6.62 2.00
N PRO B 29 19.06 -7.53 0.99
CA PRO B 29 20.35 -7.91 0.38
C PRO B 29 20.91 -6.77 -0.51
N GLY B 30 21.69 -5.89 0.10
CA GLY B 30 22.02 -4.59 -0.51
C GLY B 30 23.14 -4.54 -1.53
N ASP B 31 24.07 -5.49 -1.43
CA ASP B 31 25.25 -5.52 -2.25
C ASP B 31 26.03 -6.78 -1.98
N GLU B 32 27.13 -6.96 -2.70
CA GLU B 32 28.12 -8.05 -2.50
C GLU B 32 27.52 -9.46 -2.39
N PRO B 33 26.85 -9.93 -3.46
CA PRO B 33 26.14 -11.21 -3.43
C PRO B 33 27.03 -12.38 -3.03
N GLU B 34 28.31 -12.34 -3.40
CA GLU B 34 29.29 -13.34 -3.02
C GLU B 34 29.42 -13.55 -1.49
N LYS B 35 29.32 -12.47 -0.71
CA LYS B 35 29.35 -12.59 0.75
C LYS B 35 28.12 -13.34 1.27
N LEU B 36 26.97 -13.06 0.67
CA LEU B 36 25.72 -13.67 1.10
C LEU B 36 25.67 -15.15 0.73
N LEU B 37 26.09 -15.46 -0.50
CA LEU B 37 26.28 -16.84 -0.91
C LEU B 37 27.26 -17.60 -0.01
N ALA B 38 28.35 -16.95 0.42
CA ALA B 38 29.29 -17.60 1.34
C ALA B 38 28.58 -17.93 2.67
N LEU B 39 27.77 -16.98 3.14
CA LEU B 39 26.97 -17.18 4.35
C LEU B 39 25.96 -18.34 4.23
N PHE B 40 25.33 -18.48 3.07
CA PHE B 40 24.41 -19.60 2.87
C PHE B 40 25.14 -20.94 2.97
N GLN B 41 26.36 -20.98 2.43
CA GLN B 41 27.22 -22.18 2.44
C GLN B 41 27.70 -22.53 3.85
N THR B 42 28.12 -21.51 4.59
CA THR B 42 28.60 -21.67 5.97
C THR B 42 27.50 -22.16 6.91
N THR B 43 26.30 -21.60 6.76
CA THR B 43 25.18 -21.92 7.65
C THR B 43 24.39 -23.14 7.19
N GLY B 44 24.45 -23.43 5.89
CA GLY B 44 23.59 -24.46 5.29
C GLY B 44 22.15 -24.02 5.11
N LEU B 45 21.88 -22.71 5.27
CA LEU B 45 20.54 -22.15 5.12
C LEU B 45 20.38 -21.47 3.78
N ILE B 46 19.23 -21.70 3.14
CA ILE B 46 18.87 -20.99 1.93
C ILE B 46 17.57 -20.23 2.26
N PRO B 47 17.55 -18.89 2.08
CA PRO B 47 16.35 -18.14 2.41
C PRO B 47 15.18 -18.54 1.52
N LEU B 48 13.96 -18.45 2.04
CA LEU B 48 12.75 -18.77 1.29
C LEU B 48 12.19 -17.57 0.53
N ALA B 49 12.53 -16.36 1.00
CA ALA B 49 12.11 -15.10 0.40
C ALA B 49 13.12 -14.00 0.70
N ILE B 50 13.06 -12.95 -0.10
CA ILE B 50 13.71 -11.69 0.21
C ILE B 50 12.65 -10.68 0.68
N LEU B 51 12.90 -10.03 1.83
CA LEU B 51 11.98 -9.00 2.35
C LEU B 51 12.69 -7.67 2.38
N LEU B 52 12.03 -6.66 1.83
CA LEU B 52 12.63 -5.34 1.73
C LEU B 52 11.94 -4.35 2.67
N THR B 53 12.75 -3.70 3.52
CA THR B 53 12.28 -2.61 4.36
C THR B 53 12.01 -1.41 3.48
N HIS B 54 12.82 -1.29 2.42
CA HIS B 54 12.75 -0.18 1.46
C HIS B 54 13.67 -0.40 0.26
N ALA B 55 13.47 0.40 -0.78
CA ALA B 55 14.05 0.11 -2.09
C ALA B 55 15.17 1.07 -2.47
N HIS B 56 15.83 1.64 -1.48
CA HIS B 56 17.01 2.46 -1.72
C HIS B 56 18.14 1.55 -2.23
N PHE B 57 18.97 2.07 -3.14
CA PHE B 57 19.89 1.24 -3.93
C PHE B 57 20.80 0.38 -3.05
N ASP B 58 21.09 0.90 -1.86
CA ASP B 58 21.98 0.24 -0.91
C ASP B 58 21.31 -0.92 -0.19
N HIS B 59 20.00 -1.06 -0.36
CA HIS B 59 19.26 -2.16 0.22
C HIS B 59 18.84 -3.23 -0.79
N VAL B 60 19.09 -2.96 -2.07
CA VAL B 60 18.53 -3.81 -3.14
C VAL B 60 19.54 -4.27 -4.17
N GLY B 61 20.79 -3.82 -4.02
CA GLY B 61 21.85 -4.08 -4.98
C GLY B 61 22.26 -5.53 -5.23
N ALA B 62 21.88 -6.42 -4.32
CA ALA B 62 22.17 -7.85 -4.51
C ALA B 62 20.91 -8.71 -4.73
N VAL B 63 19.75 -8.07 -4.90
CA VAL B 63 18.50 -8.78 -5.22
C VAL B 63 18.60 -9.50 -6.59
N ALA B 64 19.02 -8.78 -7.63
CA ALA B 64 19.13 -9.38 -8.98
C ALA B 64 19.92 -10.70 -9.02
N PRO B 65 21.20 -10.69 -8.58
CA PRO B 65 21.96 -11.96 -8.60
C PRO B 65 21.41 -13.09 -7.74
N LEU B 66 20.72 -12.76 -6.65
CA LEU B 66 20.19 -13.79 -5.75
C LEU B 66 18.89 -14.38 -6.28
N VAL B 67 18.10 -13.56 -6.96
CA VAL B 67 16.91 -14.03 -7.67
C VAL B 67 17.33 -14.95 -8.83
N GLU B 68 18.38 -14.55 -9.55
CA GLU B 68 18.96 -15.36 -10.62
C GLU B 68 19.41 -16.73 -10.10
N ALA B 69 20.14 -16.75 -8.99
CA ALA B 69 20.66 -17.99 -8.42
C ALA B 69 19.62 -18.88 -7.72
N LEU B 70 18.65 -18.28 -7.03
CA LEU B 70 17.76 -19.08 -6.18
C LEU B 70 16.26 -19.02 -6.50
N ASP B 71 15.87 -18.16 -7.44
CA ASP B 71 14.45 -17.85 -7.73
C ASP B 71 13.67 -17.53 -6.46
N LEU B 72 14.14 -16.52 -5.74
CA LEU B 72 13.52 -16.11 -4.47
C LEU B 72 12.47 -15.06 -4.73
N PRO B 73 11.25 -15.23 -4.19
CA PRO B 73 10.32 -14.11 -4.27
C PRO B 73 10.86 -12.89 -3.52
N VAL B 74 10.48 -11.69 -3.96
CA VAL B 74 10.93 -10.45 -3.36
C VAL B 74 9.71 -9.67 -2.90
N TYR B 75 9.65 -9.32 -1.61
CA TYR B 75 8.54 -8.55 -1.05
C TYR B 75 8.92 -7.10 -0.84
N LEU B 76 8.01 -6.21 -1.23
CA LEU B 76 8.24 -4.78 -1.25
C LEU B 76 6.92 -4.04 -1.11
N HIS B 77 6.92 -2.96 -0.33
CA HIS B 77 5.79 -2.07 -0.28
C HIS B 77 5.61 -1.35 -1.61
N PRO B 78 4.39 -1.34 -2.17
CA PRO B 78 4.08 -0.68 -3.44
C PRO B 78 4.54 0.77 -3.57
N LEU B 79 4.51 1.54 -2.48
CA LEU B 79 4.95 2.94 -2.56
C LEU B 79 6.46 3.10 -2.80
N ASP B 80 7.23 2.01 -2.64
CA ASP B 80 8.67 2.04 -2.97
C ASP B 80 9.02 1.46 -4.35
N LEU B 81 8.00 1.10 -5.14
CA LEU B 81 8.23 0.58 -6.48
C LEU B 81 9.00 1.56 -7.42
N PRO B 82 8.61 2.86 -7.48
CA PRO B 82 9.40 3.78 -8.30
C PRO B 82 10.90 3.84 -7.93
N LEU B 83 11.23 3.86 -6.63
CA LEU B 83 12.64 3.77 -6.21
C LEU B 83 13.27 2.44 -6.64
N TYR B 84 12.53 1.36 -6.48
CA TYR B 84 13.00 0.03 -6.85
C TYR B 84 13.38 -0.08 -8.33
N GLU B 85 12.51 0.42 -9.20
CA GLU B 85 12.70 0.40 -10.64
C GLU B 85 13.81 1.34 -11.10
N GLY B 86 14.09 2.36 -10.30
CA GLY B 86 15.15 3.31 -10.61
C GLY B 86 16.43 3.19 -9.79
N ALA B 87 16.59 2.06 -9.10
CA ALA B 87 17.69 1.87 -8.14
C ALA B 87 19.09 1.87 -8.78
N ASP B 88 19.22 1.26 -9.95
CA ASP B 88 20.46 1.32 -10.72
C ASP B 88 20.88 2.76 -11.05
N LEU B 89 19.90 3.60 -11.38
CA LEU B 89 20.13 5.01 -11.69
C LEU B 89 20.43 5.85 -10.44
N ALA B 90 19.77 5.51 -9.33
CA ALA B 90 20.05 6.12 -8.03
C ALA B 90 21.48 5.84 -7.61
N ALA B 91 21.92 4.60 -7.78
CA ALA B 91 23.30 4.20 -7.49
C ALA B 91 24.32 4.97 -8.33
N ARG B 92 24.00 5.18 -9.60
CA ARG B 92 24.86 5.96 -10.50
C ARG B 92 25.03 7.41 -10.05
N ALA B 93 23.97 7.99 -9.48
CA ALA B 93 24.01 9.35 -8.94
C ALA B 93 25.05 9.51 -7.82
N TRP B 94 25.32 8.43 -7.09
CA TRP B 94 26.36 8.39 -6.06
C TRP B 94 27.72 7.96 -6.63
N GLY B 95 27.76 7.70 -7.94
CA GLY B 95 28.97 7.25 -8.61
C GLY B 95 29.22 5.76 -8.46
N LEU B 96 28.18 5.02 -8.07
CA LEU B 96 28.28 3.58 -7.84
C LEU B 96 27.47 2.82 -8.89
N ALA B 97 27.57 1.50 -8.90
CA ALA B 97 26.87 0.69 -9.89
C ALA B 97 26.33 -0.59 -9.28
N ILE B 98 25.03 -0.83 -9.50
CA ILE B 98 24.39 -2.07 -9.04
C ILE B 98 23.59 -2.68 -10.18
N PRO B 99 23.43 -4.02 -10.19
CA PRO B 99 22.51 -4.65 -11.14
C PRO B 99 21.06 -4.26 -10.86
N LYS B 100 20.31 -3.98 -11.94
CA LYS B 100 18.92 -3.56 -11.82
C LYS B 100 18.10 -4.62 -11.07
N PRO B 101 17.40 -4.19 -10.00
CA PRO B 101 16.58 -5.16 -9.27
C PRO B 101 15.48 -5.72 -10.16
N PRO B 102 15.19 -7.02 -10.06
CA PRO B 102 14.22 -7.62 -10.99
C PRO B 102 12.73 -7.54 -10.59
N LEU B 103 11.87 -7.69 -11.60
CA LEU B 103 10.42 -7.82 -11.41
C LEU B 103 10.00 -9.25 -11.79
N PRO B 104 8.87 -9.74 -11.25
CA PRO B 104 7.92 -9.09 -10.34
C PRO B 104 8.34 -9.09 -8.87
N VAL B 105 7.63 -8.28 -8.09
CA VAL B 105 7.77 -8.25 -6.66
C VAL B 105 6.40 -8.59 -6.07
N ARG B 106 6.39 -9.10 -4.84
CA ARG B 106 5.15 -9.35 -4.13
C ARG B 106 4.89 -8.19 -3.20
N PRO B 107 3.62 -7.77 -3.05
CA PRO B 107 3.39 -6.59 -2.24
C PRO B 107 3.36 -6.84 -0.73
N LEU B 108 3.83 -5.85 0.01
CA LEU B 108 3.68 -5.79 1.46
C LEU B 108 2.63 -4.75 1.74
N GLU B 109 2.02 -4.81 2.93
CA GLU B 109 1.05 -3.79 3.37
C GLU B 109 0.99 -3.77 4.90
N GLU B 110 0.64 -2.60 5.43
CA GLU B 110 0.35 -2.43 6.84
C GLU B 110 -0.54 -3.55 7.36
N GLY B 111 -0.08 -4.23 8.41
CA GLY B 111 -0.88 -5.23 9.10
C GLY B 111 -0.73 -6.64 8.57
N MET B 112 -0.08 -6.77 7.42
CA MET B 112 0.27 -8.07 6.83
C MET B 112 1.13 -8.89 7.80
N ARG B 113 0.85 -10.19 7.87
CA ARG B 113 1.67 -11.14 8.60
C ARG B 113 2.36 -12.08 7.62
N LEU B 114 3.68 -12.19 7.73
CA LEU B 114 4.45 -13.13 6.90
C LEU B 114 5.73 -13.53 7.62
N PHE B 115 6.08 -14.81 7.51
CA PHE B 115 7.24 -15.40 8.18
C PHE B 115 7.34 -14.98 9.66
N GLY B 116 6.21 -14.89 10.34
CA GLY B 116 6.18 -14.52 11.77
C GLY B 116 6.37 -13.03 12.07
N PHE B 117 6.42 -12.21 11.02
CA PHE B 117 6.52 -10.77 11.22
C PHE B 117 5.17 -10.10 11.02
N GLN B 118 4.95 -9.03 11.77
CA GLN B 118 3.91 -8.07 11.48
C GLN B 118 4.54 -6.89 10.71
N VAL B 119 3.95 -6.57 9.56
CA VAL B 119 4.41 -5.48 8.72
C VAL B 119 3.79 -4.17 9.16
N LEU B 120 4.66 -3.20 9.45
CA LEU B 120 4.26 -1.83 9.75
C LEU B 120 4.72 -0.91 8.63
N HIS B 121 3.78 -0.17 8.03
CA HIS B 121 4.13 0.83 7.03
C HIS B 121 4.48 2.13 7.72
N LEU B 122 5.74 2.54 7.53
CA LEU B 122 6.34 3.65 8.27
C LEU B 122 7.15 4.52 7.32
N PRO B 123 6.47 5.34 6.50
CA PRO B 123 7.17 6.15 5.49
C PRO B 123 7.90 7.31 6.12
N GLY B 124 8.66 8.04 5.32
CA GLY B 124 9.36 9.25 5.77
C GLY B 124 10.77 9.28 5.23
N HIS B 125 11.45 8.14 5.32
CA HIS B 125 12.80 8.00 4.76
C HIS B 125 12.59 7.62 3.30
N SER B 126 11.57 6.81 3.05
CA SER B 126 11.07 6.52 1.71
C SER B 126 9.56 6.27 1.83
N PRO B 127 8.79 6.48 0.73
CA PRO B 127 7.32 6.38 0.82
C PRO B 127 6.79 4.99 1.12
N GLY B 128 7.53 3.95 0.72
CA GLY B 128 7.12 2.57 0.98
C GLY B 128 7.93 1.87 2.08
N HIS B 129 8.52 2.66 2.97
CA HIS B 129 9.38 2.10 4.02
C HIS B 129 8.52 1.34 5.01
N VAL B 130 8.93 0.09 5.33
CA VAL B 130 8.28 -0.74 6.34
C VAL B 130 9.25 -1.18 7.46
N ALA B 131 8.70 -1.65 8.57
CA ALA B 131 9.45 -2.36 9.60
C ALA B 131 8.83 -3.74 9.68
N PHE B 132 9.66 -4.75 9.95
CA PHE B 132 9.19 -6.12 10.18
C PHE B 132 9.29 -6.42 11.69
N TYR B 133 8.14 -6.48 12.35
CA TYR B 133 8.06 -6.63 13.80
C TYR B 133 7.73 -8.07 14.22
N ASP B 134 8.60 -8.61 15.08
CA ASP B 134 8.44 -9.93 15.66
C ASP B 134 8.17 -9.77 17.17
N PRO B 135 6.89 -9.85 17.59
CA PRO B 135 6.55 -9.63 19.00
C PRO B 135 7.01 -10.75 19.95
N GLU B 136 7.15 -11.96 19.42
CA GLU B 136 7.59 -13.10 20.21
C GLU B 136 9.07 -13.01 20.55
N GLY B 137 9.88 -12.68 19.55
CA GLY B 137 11.31 -12.49 19.75
C GLY B 137 11.67 -11.11 20.27
N ALA B 138 10.66 -10.27 20.49
CA ALA B 138 10.85 -8.86 20.92
C ALA B 138 11.90 -8.12 20.06
N GLN B 139 11.69 -8.19 18.75
CA GLN B 139 12.67 -7.79 17.74
C GLN B 139 11.99 -7.00 16.64
N VAL B 140 12.69 -6.01 16.10
CA VAL B 140 12.21 -5.31 14.91
C VAL B 140 13.36 -5.03 13.94
N PHE B 141 13.12 -5.40 12.68
CA PHE B 141 14.00 -5.07 11.57
C PHE B 141 13.38 -3.85 10.89
N SER B 142 13.87 -2.68 11.28
CA SER B 142 13.20 -1.42 10.98
C SER B 142 13.95 -0.59 9.95
N GLY B 143 14.88 -1.22 9.22
CA GLY B 143 15.61 -0.54 8.15
C GLY B 143 16.22 0.78 8.55
N ASP B 144 15.93 1.83 7.78
CA ASP B 144 16.58 3.12 7.99
C ASP B 144 15.77 4.15 8.79
N LEU B 145 14.73 3.69 9.47
CA LEU B 145 14.00 4.57 10.40
C LEU B 145 14.86 5.06 11.55
N LEU B 146 15.50 4.13 12.24
CA LEU B 146 16.13 4.41 13.52
C LEU B 146 17.48 3.74 13.63
N PHE B 147 18.49 4.55 13.90
CA PHE B 147 19.84 4.07 14.10
C PHE B 147 20.22 4.24 15.58
N ARG B 148 21.35 3.65 15.95
CA ARG B 148 21.96 3.93 17.25
C ARG B 148 22.45 5.39 17.26
N GLY B 149 21.72 6.28 17.95
CA GLY B 149 22.09 7.69 18.06
C GLY B 149 21.66 8.60 16.91
N SER B 150 20.87 8.07 15.98
CA SER B 150 20.43 8.85 14.83
C SER B 150 19.15 8.30 14.21
N VAL B 151 18.69 8.94 13.13
CA VAL B 151 17.52 8.48 12.36
C VAL B 151 17.80 8.58 10.86
N GLY B 152 16.92 7.99 10.05
CA GLY B 152 17.08 8.00 8.58
C GLY B 152 17.11 9.41 8.03
N ARG B 153 17.91 9.61 6.97
CA ARG B 153 17.92 10.87 6.23
C ARG B 153 16.52 11.16 5.70
N TYR B 154 16.14 12.43 5.77
CA TYR B 154 14.81 12.87 5.36
C TYR B 154 14.90 14.00 4.31
N ASP B 155 16.13 14.21 3.81
CA ASP B 155 16.41 15.25 2.81
C ASP B 155 16.66 14.65 1.42
N LEU B 156 16.12 13.46 1.19
CA LEU B 156 16.33 12.69 -0.04
C LEU B 156 15.06 12.69 -0.92
N PRO B 157 15.21 12.42 -2.23
CA PRO B 157 14.06 12.22 -3.12
C PRO B 157 13.14 11.12 -2.60
N GLY B 158 11.87 11.47 -2.37
CA GLY B 158 10.91 10.51 -1.85
C GLY B 158 10.73 10.61 -0.34
N ALA B 159 11.63 11.31 0.32
CA ALA B 159 11.60 11.47 1.77
C ALA B 159 10.66 12.60 2.21
N ASP B 160 10.16 12.48 3.43
CA ASP B 160 9.21 13.43 4.02
C ASP B 160 9.40 13.48 5.54
N PRO B 161 10.03 14.56 6.05
CA PRO B 161 10.39 14.68 7.47
C PRO B 161 9.19 14.52 8.41
N LYS B 162 8.06 15.12 8.03
CA LYS B 162 6.83 15.04 8.81
C LYS B 162 6.35 13.59 8.97
N ALA B 163 6.34 12.86 7.86
CA ALA B 163 6.01 11.43 7.87
C ALA B 163 7.00 10.63 8.71
N LEU B 164 8.28 10.96 8.60
CA LEU B 164 9.32 10.27 9.37
C LEU B 164 9.11 10.41 10.88
N PHE B 165 8.80 11.62 11.33
CA PHE B 165 8.55 11.88 12.74
C PHE B 165 7.31 11.11 13.21
N ALA B 166 6.26 11.09 12.39
CA ALA B 166 5.05 10.32 12.68
C ALA B 166 5.32 8.82 12.76
N SER B 167 6.12 8.31 11.83
CA SER B 167 6.56 6.92 11.86
C SER B 167 7.43 6.59 13.08
N LEU B 168 8.29 7.52 13.49
CA LEU B 168 9.09 7.35 14.71
C LEU B 168 8.20 7.26 15.97
N LYS B 169 7.20 8.12 16.07
CA LYS B 169 6.21 8.01 17.17
C LYS B 169 5.53 6.64 17.19
N ARG B 170 5.16 6.11 16.03
CA ARG B 170 4.57 4.77 15.97
C ARG B 170 5.56 3.68 16.37
N LEU B 171 6.78 3.76 15.85
CA LEU B 171 7.79 2.74 16.15
C LEU B 171 8.13 2.73 17.64
N LEU B 172 8.33 3.92 18.20
CA LEU B 172 8.67 4.06 19.62
C LEU B 172 7.50 3.75 20.57
N SER B 173 6.32 3.50 20.00
CA SER B 173 5.17 3.05 20.80
C SER B 173 5.20 1.54 21.09
N LEU B 174 6.09 0.81 20.42
CA LEU B 174 6.29 -0.61 20.70
C LEU B 174 7.03 -0.76 22.04
N PRO B 175 7.02 -1.97 22.65
CA PRO B 175 7.65 -2.16 23.96
C PRO B 175 9.12 -1.75 23.99
N PRO B 176 9.54 -0.98 25.02
CA PRO B 176 10.88 -0.40 25.11
C PRO B 176 12.02 -1.43 25.06
N GLU B 177 11.74 -2.66 25.50
CA GLU B 177 12.74 -3.73 25.44
C GLU B 177 12.99 -4.29 24.01
N THR B 178 12.16 -3.89 23.05
CA THR B 178 12.27 -4.36 21.65
C THR B 178 13.66 -4.11 21.07
N ARG B 179 14.27 -5.16 20.54
CA ARG B 179 15.58 -5.07 19.89
C ARG B 179 15.45 -4.47 18.51
N VAL B 180 16.32 -3.53 18.19
CA VAL B 180 16.31 -2.86 16.89
C VAL B 180 17.49 -3.36 16.08
N HIS B 181 17.19 -3.95 14.92
CA HIS B 181 18.19 -4.36 13.96
C HIS B 181 18.03 -3.43 12.75
N PRO B 182 18.81 -2.34 12.72
CA PRO B 182 18.65 -1.27 11.74
C PRO B 182 19.33 -1.54 10.40
N GLY B 183 19.05 -0.70 9.41
CA GLY B 183 19.63 -0.85 8.08
C GLY B 183 21.08 -0.45 7.94
N HIS B 184 21.60 0.27 8.96
CA HIS B 184 23.01 0.66 9.02
C HIS B 184 23.43 0.73 10.48
N GLY B 185 24.71 0.49 10.75
CA GLY B 185 25.25 0.61 12.10
C GLY B 185 24.87 -0.53 13.05
N PRO B 186 25.28 -0.39 14.33
CA PRO B 186 25.05 -1.48 15.28
C PRO B 186 23.59 -1.48 15.80
N GLY B 187 23.20 -2.58 16.44
CA GLY B 187 21.87 -2.71 17.01
C GLY B 187 21.62 -1.80 18.21
N THR B 188 20.35 -1.70 18.62
CA THR B 188 20.00 -0.91 19.78
C THR B 188 18.65 -1.40 20.31
N THR B 189 18.03 -0.66 21.22
CA THR B 189 16.69 -1.01 21.69
C THR B 189 15.81 0.22 21.62
N LEU B 190 14.50 0.04 21.54
CA LEU B 190 13.61 1.21 21.49
C LEU B 190 13.72 2.10 22.74
N GLY B 191 13.84 1.48 23.91
CA GLY B 191 13.91 2.20 25.19
C GLY B 191 15.15 3.05 25.34
N LEU B 192 16.30 2.50 24.94
CA LEU B 192 17.54 3.24 24.90
C LEU B 192 17.48 4.46 23.95
N GLU B 193 16.99 4.27 22.73
CA GLU B 193 16.85 5.38 21.79
C GLU B 193 15.88 6.48 22.29
N ALA B 194 14.75 6.07 22.85
CA ALA B 194 13.79 7.03 23.42
C ALA B 194 14.48 7.95 24.44
N ARG B 195 15.32 7.35 25.28
CA ARG B 195 16.03 8.02 26.36
C ARG B 195 17.28 8.84 25.93
N THR B 196 17.91 8.49 24.81
CA THR B 196 19.20 9.08 24.46
C THR B 196 19.35 9.70 23.07
N ASN B 197 18.45 9.36 22.15
CA ASN B 197 18.57 9.77 20.74
C ASN B 197 18.16 11.23 20.60
N PRO B 198 19.06 12.08 20.06
CA PRO B 198 18.83 13.52 19.89
C PRO B 198 17.68 13.87 18.95
N PHE B 199 17.23 12.91 18.13
CA PHE B 199 16.08 13.13 17.24
C PHE B 199 14.75 12.74 17.90
N LEU B 200 14.82 12.11 19.06
CA LEU B 200 13.62 11.59 19.70
C LEU B 200 13.21 12.35 20.95
N THR B 201 13.86 13.49 21.21
CA THR B 201 13.60 14.30 22.41
C THR B 201 12.25 15.04 22.39
N GLY B 202 11.61 15.11 21.22
CA GLY B 202 10.37 15.85 21.09
C GLY B 202 9.19 15.02 20.62
N LEU B 203 9.27 13.70 20.83
CA LEU B 203 8.17 12.80 20.51
C LEU B 203 6.99 12.94 21.47
N GLU B 204 7.27 13.42 22.68
CA GLU B 204 6.27 13.53 23.74
C GLU B 204 6.05 15.00 24.12
N TRP B 205 7.13 15.68 24.52
CA TRP B 205 7.08 17.13 24.76
C TRP B 205 7.89 17.86 23.72
N GLU B 206 7.29 18.89 23.14
CA GLU B 206 7.97 19.83 22.29
C GLU B 206 8.16 21.12 23.08
N ALA B 207 9.36 21.26 23.65
CA ALA B 207 9.69 22.42 24.47
C ALA B 207 10.86 23.17 23.83
ZN ZN C . -17.33 -1.46 -12.54
ZN ZN D . -14.56 -3.15 -11.94
ZN ZN E . -5.54 23.54 -12.07
ZN ZN F . -4.49 -6.05 1.59
ZN ZN G . -17.74 9.39 -21.93
ZN ZN H . -10.00 12.54 8.67
ZN ZN I . -25.30 9.85 6.87
ZN ZN J . -3.61 -14.00 -5.45
ZN ZN K . 20.20 2.57 3.85
ZN ZN L . 17.62 4.18 2.87
ZN ZN M . 0.77 3.44 5.76
ZN ZN N . 6.71 -0.43 -13.11
ZN ZN O . 20.73 -6.77 15.77
ZN ZN P . 6.72 21.18 15.92
#